data_6DUP
#
_entry.id   6DUP
#
_cell.length_a   84.034
_cell.length_b   88.926
_cell.length_c   106.452
_cell.angle_alpha   90.00
_cell.angle_beta   90.00
_cell.angle_gamma   90.00
#
_symmetry.space_group_name_H-M   'P 21 21 21'
#
loop_
_entity.id
_entity.type
_entity.pdbx_description
1 polymer 'Nuclear receptor subfamily 1 group I member 2'
2 non-polymer "(2S)-2-({[3'-(trifluoromethyl)[1,1'-biphenyl]-4-yl]oxy}methyl)-2,3-dihydro-7H-[1,3]oxazolo[3,2-a]pyrimidin-7-one"
3 water water
#
_entity_poly.entity_id   1
_entity_poly.type   'polypeptide(L)'
_entity_poly.pdbx_seq_one_letter_code
;MKKGHHHHHHGSERTGTQPLGVQGLTEEQRMMIRELMDAQMKTFDTTFSHFKNFRLPGVLSSGCELPESLQAPSREEAAK
WSQVRKDLCSLKVSLQLRGEDGSVWNYKPPADSGGKEIFSLLPHMADMSTYMFKGIISFAKVISYFRDLPIEDQISLLKG
AAFELCQLRFNTVFNAETGTWECGRLSYCLEDTAGGFQQLLLEPMLKFHYMLKKLQLHEEEYVLMQAISLFSPDRPGVLQ
HRVVDQLQEQFAITLKSYIECNRPQPAHRFLFLKIMAMLTELRSINAQHTQRLLRIQDIHPFATPLMQELFGITGSGGSG
GSSHSSLTERHKILHRLLQEGSPS
;
_entity_poly.pdbx_strand_id   A,B
#
loop_
_chem_comp.id
_chem_comp.type
_chem_comp.name
_chem_comp.formula
HCJ non-polymer (2S)-2-({[3'-(trifluoromethyl)[1,1'-biphenyl]-4-yl]oxy}methyl)-2,3-dihydro-7H-[1,3]oxazolo[3,2-a]pyrimidin-7-one 'C20 H15 F3 N2 O3'
#
# COMPACT_ATOMS: atom_id res chain seq x y z
N GLY A 24 -39.48 -26.03 -24.22
CA GLY A 24 -38.20 -25.36 -24.60
C GLY A 24 -38.37 -23.92 -25.03
N LEU A 25 -37.26 -23.23 -25.25
CA LEU A 25 -37.29 -21.86 -25.74
C LEU A 25 -37.54 -21.85 -27.24
N THR A 26 -38.20 -20.80 -27.73
CA THR A 26 -38.33 -20.64 -29.17
C THR A 26 -36.94 -20.45 -29.76
N GLU A 27 -36.82 -20.67 -31.06
CA GLU A 27 -35.54 -20.47 -31.72
C GLU A 27 -35.11 -19.02 -31.54
N GLU A 28 -36.08 -18.12 -31.66
CA GLU A 28 -35.81 -16.68 -31.56
C GLU A 28 -35.21 -16.33 -30.20
N GLN A 29 -35.74 -16.96 -29.16
CA GLN A 29 -35.35 -16.65 -27.79
C GLN A 29 -33.96 -17.17 -27.49
N ARG A 30 -33.63 -18.33 -28.06
CA ARG A 30 -32.36 -18.97 -27.77
C ARG A 30 -31.24 -18.18 -28.43
N MET A 31 -31.56 -17.52 -29.53
CA MET A 31 -30.58 -16.76 -30.27
C MET A 31 -30.48 -15.35 -29.71
N MET A 32 -31.56 -14.89 -29.11
CA MET A 32 -31.54 -13.67 -28.30
C MET A 32 -30.55 -13.86 -27.14
N ILE A 33 -30.61 -15.02 -26.49
CA ILE A 33 -29.69 -15.33 -25.40
C ILE A 33 -28.26 -15.50 -25.90
N ARG A 34 -28.09 -16.24 -26.98
CA ARG A 34 -26.79 -16.42 -27.60
C ARG A 34 -26.14 -15.07 -27.87
N GLU A 35 -26.91 -14.13 -28.40
CA GLU A 35 -26.34 -12.83 -28.72
C GLU A 35 -25.92 -12.05 -27.48
N LEU A 36 -26.69 -12.16 -26.39
CA LEU A 36 -26.35 -11.47 -25.15
C LEU A 36 -25.15 -12.14 -24.50
N MET A 37 -25.11 -13.46 -24.55
CA MET A 37 -24.02 -14.19 -23.93
C MET A 37 -22.71 -13.92 -24.67
N ASP A 38 -22.78 -13.79 -25.99
CA ASP A 38 -21.58 -13.49 -26.78
C ASP A 38 -21.15 -12.06 -26.55
N ALA A 39 -22.11 -11.16 -26.41
CA ALA A 39 -21.78 -9.78 -26.07
C ALA A 39 -21.07 -9.72 -24.72
N GLN A 40 -21.57 -10.50 -23.77
CA GLN A 40 -21.01 -10.51 -22.43
C GLN A 40 -19.60 -11.05 -22.46
N MET A 41 -19.35 -12.09 -23.25
CA MET A 41 -18.04 -12.72 -23.19
C MET A 41 -17.00 -11.88 -23.91
N LYS A 42 -17.40 -11.18 -24.97
CA LYS A 42 -16.51 -10.24 -25.65
C LYS A 42 -16.14 -9.01 -24.81
N THR A 43 -17.02 -8.59 -23.89
CA THR A 43 -16.85 -7.28 -23.26
C THR A 43 -16.75 -7.30 -21.73
N PHE A 44 -16.72 -8.48 -21.14
CA PHE A 44 -16.62 -8.54 -19.69
C PHE A 44 -15.31 -9.20 -19.34
N ASP A 45 -14.37 -8.39 -18.88
CA ASP A 45 -13.05 -8.85 -18.47
C ASP A 45 -13.17 -9.39 -17.04
N THR A 46 -13.58 -10.64 -16.90
CA THR A 46 -13.93 -11.16 -15.58
C THR A 46 -12.74 -11.23 -14.63
N THR A 47 -11.53 -11.29 -15.15
CA THR A 47 -10.35 -11.31 -14.30
C THR A 47 -9.73 -9.92 -14.14
N PHE A 48 -10.35 -8.93 -14.79
CA PHE A 48 -9.89 -7.55 -14.71
C PHE A 48 -8.43 -7.41 -15.13
N SER A 49 -7.99 -8.25 -16.06
CA SER A 49 -6.60 -8.23 -16.52
C SER A 49 -6.16 -6.93 -17.19
N HIS A 50 -7.11 -6.20 -17.76
CA HIS A 50 -6.76 -5.03 -18.56
C HIS A 50 -7.12 -3.75 -17.83
N PHE A 51 -7.45 -3.88 -16.56
CA PHE A 51 -7.57 -2.73 -15.69
C PHE A 51 -6.17 -2.35 -15.21
N LYS A 52 -5.67 -1.23 -15.72
CA LYS A 52 -4.30 -0.82 -15.49
C LYS A 52 -4.21 0.69 -15.35
N ASN A 53 -3.13 1.16 -14.76
CA ASN A 53 -2.85 2.59 -14.70
C ASN A 53 -3.89 3.33 -13.86
N PHE A 54 -4.43 2.65 -12.85
CA PHE A 54 -5.39 3.29 -11.95
C PHE A 54 -4.68 4.02 -10.81
N ARG A 55 -5.30 5.06 -10.30
CA ARG A 55 -4.76 5.77 -9.15
C ARG A 55 -4.98 5.01 -7.85
N LEU A 56 -4.12 5.26 -6.87
CA LEU A 56 -4.19 4.61 -5.58
C LEU A 56 -4.16 5.64 -4.45
N PRO A 57 -4.74 5.28 -3.29
CA PRO A 57 -4.68 6.18 -2.14
C PRO A 57 -3.22 6.53 -1.86
N GLY A 58 -2.94 7.82 -1.70
CA GLY A 58 -1.57 8.26 -1.55
C GLY A 58 -0.88 7.60 -0.37
N VAL A 59 0.43 7.45 -0.49
CA VAL A 59 1.22 6.79 0.55
C VAL A 59 2.23 7.76 1.18
N SER A 74 -20.79 29.41 4.91
CA SER A 74 -20.18 28.41 5.78
C SER A 74 -21.23 27.46 6.37
N ARG A 75 -22.18 28.01 7.12
CA ARG A 75 -23.24 27.21 7.73
C ARG A 75 -23.79 26.21 6.72
N GLU A 76 -24.07 26.69 5.52
CA GLU A 76 -24.55 25.84 4.44
C GLU A 76 -23.44 24.88 3.99
N GLU A 77 -22.24 25.42 3.82
CA GLU A 77 -21.09 24.63 3.38
C GLU A 77 -20.86 23.44 4.31
N ALA A 78 -20.97 23.69 5.61
CA ALA A 78 -20.78 22.64 6.61
C ALA A 78 -21.95 21.67 6.57
N ALA A 79 -23.09 22.16 6.09
CA ALA A 79 -24.28 21.32 5.96
C ALA A 79 -24.13 20.38 4.77
N LYS A 80 -23.48 20.88 3.70
CA LYS A 80 -23.12 20.06 2.56
C LYS A 80 -22.14 18.97 2.99
N TRP A 81 -21.16 19.37 3.80
CA TRP A 81 -20.11 18.46 4.24
C TRP A 81 -20.63 17.31 5.10
N SER A 82 -21.57 17.61 5.99
CA SER A 82 -22.07 16.60 6.92
C SER A 82 -22.92 15.57 6.18
N GLN A 83 -23.58 16.01 5.10
CA GLN A 83 -24.34 15.08 4.27
C GLN A 83 -23.37 14.20 3.49
N VAL A 84 -22.27 14.80 3.07
CA VAL A 84 -21.22 14.09 2.34
C VAL A 84 -20.48 13.07 3.23
N ARG A 85 -20.35 13.39 4.52
CA ARG A 85 -19.68 12.49 5.44
C ARG A 85 -20.45 11.18 5.60
N LYS A 86 -21.78 11.28 5.68
CA LYS A 86 -22.62 10.08 5.70
C LYS A 86 -22.39 9.32 4.40
N ASP A 87 -22.51 10.04 3.28
CA ASP A 87 -22.41 9.43 1.96
C ASP A 87 -21.14 8.60 1.79
N LEU A 88 -20.07 9.01 2.46
CA LEU A 88 -18.77 8.37 2.31
C LEU A 88 -18.53 7.24 3.30
N CYS A 89 -19.39 7.16 4.31
CA CYS A 89 -19.21 6.17 5.38
C CYS A 89 -19.61 4.79 4.89
N SER A 90 -20.89 4.67 4.55
CA SER A 90 -21.41 3.56 3.75
C SER A 90 -20.38 3.06 2.73
N LEU A 91 -19.66 3.99 2.13
CA LEU A 91 -18.83 3.73 0.96
C LEU A 91 -17.45 3.13 1.31
N LYS A 92 -17.38 2.34 2.39
CA LYS A 92 -16.11 1.94 2.96
C LYS A 92 -15.66 0.52 2.65
N VAL A 93 -14.53 0.41 1.94
CA VAL A 93 -13.88 -0.87 1.72
C VAL A 93 -12.39 -0.75 1.97
N SER A 94 -11.77 -1.87 2.32
CA SER A 94 -10.33 -2.00 2.24
C SER A 94 -10.02 -2.45 0.82
N LEU A 95 -8.78 -2.23 0.40
CA LEU A 95 -8.37 -2.58 -0.95
C LEU A 95 -7.21 -3.55 -0.84
N GLN A 96 -7.28 -4.65 -1.58
CA GLN A 96 -6.18 -5.60 -1.60
C GLN A 96 -5.61 -5.80 -2.99
N LEU A 97 -4.29 -6.02 -3.05
CA LEU A 97 -3.54 -5.93 -4.29
C LEU A 97 -2.53 -7.08 -4.36
N ARG A 98 -2.86 -8.15 -5.07
CA ARG A 98 -1.97 -9.31 -5.15
C ARG A 98 -1.09 -9.26 -6.40
N GLY A 99 0.23 -9.20 -6.19
CA GLY A 99 1.14 -9.17 -7.32
C GLY A 99 1.40 -10.56 -7.87
N GLU A 100 2.03 -10.62 -9.04
CA GLU A 100 2.38 -11.89 -9.67
C GLU A 100 3.33 -12.69 -8.79
N ASP A 101 4.35 -12.04 -8.25
CA ASP A 101 5.38 -12.71 -7.46
C ASP A 101 4.83 -13.40 -6.21
N GLY A 102 3.70 -12.93 -5.70
CA GLY A 102 3.16 -13.47 -4.47
C GLY A 102 3.07 -12.42 -3.37
N SER A 103 3.57 -11.23 -3.66
CA SER A 103 3.48 -10.12 -2.72
C SER A 103 2.04 -9.64 -2.61
N VAL A 104 1.68 -9.10 -1.46
CA VAL A 104 0.35 -8.53 -1.28
C VAL A 104 0.39 -7.15 -0.63
N TRP A 105 -0.11 -6.14 -1.34
CA TRP A 105 -0.31 -4.82 -0.76
C TRP A 105 -1.75 -4.74 -0.25
N ASN A 106 -1.93 -4.15 0.92
CA ASN A 106 -3.26 -3.99 1.47
C ASN A 106 -3.49 -2.58 2.03
N TYR A 107 -4.57 -1.95 1.59
CA TYR A 107 -4.90 -0.61 2.04
C TYR A 107 -6.12 -0.58 2.94
N LYS A 108 -5.98 0.04 4.10
CA LYS A 108 -7.07 0.19 5.04
C LYS A 108 -7.42 1.66 5.14
N PRO A 109 -8.70 2.01 4.92
CA PRO A 109 -9.11 3.41 4.91
C PRO A 109 -9.10 4.03 6.30
N PRO A 110 -8.99 5.36 6.38
CA PRO A 110 -8.90 6.03 7.68
C PRO A 110 -10.15 5.76 8.49
N ALA A 111 -10.19 6.33 9.69
CA ALA A 111 -11.46 6.69 10.31
C ALA A 111 -11.72 8.15 9.95
N ASP A 112 -12.99 8.54 9.89
CA ASP A 112 -13.34 9.89 9.47
C ASP A 112 -12.87 10.91 10.50
N SER A 113 -11.98 11.81 10.06
CA SER A 113 -11.50 12.88 10.92
C SER A 113 -11.93 14.23 10.36
N GLY A 114 -11.14 15.27 10.65
CA GLY A 114 -11.51 16.62 10.27
C GLY A 114 -12.16 16.79 8.91
N GLY A 115 -11.51 16.31 7.86
CA GLY A 115 -12.02 16.54 6.52
C GLY A 115 -11.60 15.55 5.44
N LYS A 116 -10.72 16.00 4.54
CA LYS A 116 -10.51 15.38 3.24
C LYS A 116 -10.13 13.89 3.23
N GLU A 117 -9.37 13.46 4.23
CA GLU A 117 -8.76 12.12 4.25
C GLU A 117 -9.66 10.94 3.84
N ILE A 118 -10.97 11.14 3.89
CA ILE A 118 -11.90 10.10 3.45
C ILE A 118 -12.41 10.34 2.02
N PHE A 119 -11.70 11.21 1.30
CA PHE A 119 -11.80 11.26 -0.16
C PHE A 119 -10.63 10.48 -0.77
N SER A 120 -9.91 9.74 0.07
CA SER A 120 -8.67 9.08 -0.33
C SER A 120 -8.87 8.03 -1.41
N LEU A 121 -9.99 7.32 -1.36
CA LEU A 121 -10.28 6.23 -2.28
C LEU A 121 -10.98 6.66 -3.59
N LEU A 122 -11.40 7.92 -3.68
CA LEU A 122 -12.29 8.35 -4.77
C LEU A 122 -11.67 8.33 -6.16
N PRO A 123 -10.41 8.75 -6.27
CA PRO A 123 -9.71 8.62 -7.57
C PRO A 123 -9.62 7.18 -8.04
N HIS A 124 -9.31 6.26 -7.13
CA HIS A 124 -9.28 4.85 -7.51
C HIS A 124 -10.66 4.35 -7.97
N MET A 125 -11.67 4.67 -7.18
CA MET A 125 -13.04 4.24 -7.48
C MET A 125 -13.49 4.80 -8.81
N ALA A 126 -13.15 6.07 -9.06
CA ALA A 126 -13.49 6.71 -10.31
C ALA A 126 -12.89 5.89 -11.45
N ASP A 127 -11.63 5.50 -11.29
CA ASP A 127 -10.98 4.72 -12.33
C ASP A 127 -11.63 3.34 -12.50
N MET A 128 -11.99 2.68 -11.40
CA MET A 128 -12.64 1.38 -11.50
C MET A 128 -13.98 1.45 -12.21
N SER A 129 -14.82 2.40 -11.80
CA SER A 129 -16.13 2.59 -12.41
C SER A 129 -16.01 2.94 -13.89
N THR A 130 -15.13 3.88 -14.19
CA THR A 130 -14.90 4.29 -15.56
C THR A 130 -14.47 3.09 -16.41
N TYR A 131 -13.60 2.24 -15.88
CA TYR A 131 -13.22 1.02 -16.59
C TYR A 131 -14.46 0.13 -16.80
N MET A 132 -15.31 0.04 -15.78
CA MET A 132 -16.49 -0.81 -15.86
C MET A 132 -17.55 -0.25 -16.83
N PHE A 133 -17.73 1.07 -16.80
CA PHE A 133 -18.63 1.72 -17.73
C PHE A 133 -18.23 1.45 -19.18
N LYS A 134 -16.93 1.53 -19.48
CA LYS A 134 -16.46 1.34 -20.85
C LYS A 134 -16.83 -0.05 -21.32
N GLY A 135 -16.68 -1.02 -20.42
CA GLY A 135 -17.07 -2.38 -20.75
C GLY A 135 -18.56 -2.46 -21.03
N ILE A 136 -19.35 -1.74 -20.23
CA ILE A 136 -20.81 -1.72 -20.40
C ILE A 136 -21.22 -1.06 -21.72
N ILE A 137 -20.57 0.05 -22.05
CA ILE A 137 -20.77 0.69 -23.35
C ILE A 137 -20.48 -0.29 -24.48
N SER A 138 -19.38 -1.03 -24.37
CA SER A 138 -19.02 -1.99 -25.40
C SER A 138 -20.07 -3.10 -25.47
N PHE A 139 -20.55 -3.52 -24.30
CA PHE A 139 -21.60 -4.53 -24.21
C PHE A 139 -22.85 -4.09 -25.01
N ALA A 140 -23.35 -2.92 -24.71
CA ALA A 140 -24.51 -2.37 -25.43
C ALA A 140 -24.28 -2.37 -26.94
N LYS A 141 -23.11 -1.92 -27.38
CA LYS A 141 -22.84 -1.76 -28.80
C LYS A 141 -22.92 -3.04 -29.63
N VAL A 142 -22.47 -4.16 -29.10
CA VAL A 142 -22.44 -5.39 -29.89
C VAL A 142 -23.83 -6.01 -30.01
N ILE A 143 -24.80 -5.48 -29.27
CA ILE A 143 -26.16 -5.98 -29.33
C ILE A 143 -26.94 -5.35 -30.50
N SER A 144 -27.28 -6.18 -31.48
CA SER A 144 -28.02 -5.71 -32.65
C SER A 144 -29.20 -4.84 -32.23
N TYR A 145 -30.05 -5.36 -31.35
CA TYR A 145 -31.23 -4.63 -30.91
C TYR A 145 -30.92 -3.23 -30.40
N PHE A 146 -29.76 -3.06 -29.75
CA PHE A 146 -29.38 -1.76 -29.21
C PHE A 146 -28.78 -0.86 -30.29
N ARG A 147 -28.00 -1.48 -31.18
CA ARG A 147 -27.35 -0.79 -32.31
C ARG A 147 -28.38 -0.11 -33.22
N ASP A 148 -29.48 -0.79 -33.48
CA ASP A 148 -30.48 -0.31 -34.41
C ASP A 148 -31.20 0.94 -33.91
N LEU A 149 -31.21 1.13 -32.59
CA LEU A 149 -31.84 2.30 -32.00
C LEU A 149 -31.10 3.56 -32.43
N PRO A 150 -31.78 4.72 -32.41
CA PRO A 150 -31.19 6.01 -32.71
C PRO A 150 -30.09 6.36 -31.72
N ILE A 151 -28.98 6.90 -32.21
CA ILE A 151 -27.82 7.17 -31.38
C ILE A 151 -28.22 7.87 -30.09
N GLU A 152 -29.17 8.80 -30.19
CA GLU A 152 -29.54 9.62 -29.04
C GLU A 152 -30.22 8.76 -27.96
N ASP A 153 -30.98 7.76 -28.40
CA ASP A 153 -31.60 6.85 -27.46
C ASP A 153 -30.57 5.90 -26.85
N GLN A 154 -29.58 5.53 -27.65
CA GLN A 154 -28.47 4.70 -27.16
C GLN A 154 -27.76 5.42 -26.01
N ILE A 155 -27.56 6.71 -26.18
CA ILE A 155 -26.95 7.53 -25.15
C ILE A 155 -27.84 7.61 -23.92
N SER A 156 -29.12 7.91 -24.14
CA SER A 156 -30.07 8.05 -23.03
C SER A 156 -30.21 6.77 -22.24
N LEU A 157 -30.17 5.63 -22.93
CA LEU A 157 -30.33 4.35 -22.27
C LEU A 157 -29.10 3.99 -21.45
N LEU A 158 -27.92 4.37 -21.95
CA LEU A 158 -26.69 4.05 -21.26
C LEU A 158 -26.49 4.97 -20.08
N LYS A 159 -26.85 6.24 -20.22
CA LYS A 159 -26.88 7.17 -19.09
C LYS A 159 -27.78 6.61 -17.99
N GLY A 160 -28.92 6.06 -18.39
CA GLY A 160 -29.88 5.60 -17.43
C GLY A 160 -29.51 4.31 -16.71
N ALA A 161 -28.75 3.43 -17.37
CA ALA A 161 -28.55 2.06 -16.90
C ALA A 161 -27.12 1.70 -16.50
N ALA A 162 -26.15 2.47 -16.99
CA ALA A 162 -24.74 2.20 -16.75
C ALA A 162 -24.42 1.69 -15.34
N PHE A 163 -24.84 2.44 -14.34
CA PHE A 163 -24.56 2.09 -12.95
C PHE A 163 -25.15 0.72 -12.59
N GLU A 164 -26.34 0.44 -13.11
CA GLU A 164 -27.05 -0.79 -12.77
C GLU A 164 -26.34 -2.00 -13.35
N LEU A 165 -25.91 -1.88 -14.60
CA LEU A 165 -25.21 -2.98 -15.26
C LEU A 165 -23.83 -3.24 -14.63
N CYS A 166 -23.13 -2.18 -14.24
N CYS A 166 -23.14 -2.18 -14.25
CA CYS A 166 -21.88 -2.36 -13.51
CA CYS A 166 -21.89 -2.31 -13.52
C CYS A 166 -22.11 -3.16 -12.24
C CYS A 166 -22.10 -3.13 -12.24
N GLN A 167 -23.16 -2.84 -11.50
CA GLN A 167 -23.43 -3.53 -10.25
C GLN A 167 -23.83 -4.98 -10.51
N LEU A 168 -24.59 -5.20 -11.57
CA LEU A 168 -24.96 -6.57 -11.92
C LEU A 168 -23.72 -7.38 -12.23
N ARG A 169 -22.79 -6.81 -13.01
CA ARG A 169 -21.52 -7.45 -13.28
C ARG A 169 -20.71 -7.63 -12.00
N PHE A 170 -20.68 -6.62 -11.15
CA PHE A 170 -19.96 -6.74 -9.90
C PHE A 170 -20.51 -7.88 -9.06
N ASN A 171 -21.83 -8.10 -9.10
CA ASN A 171 -22.40 -9.18 -8.30
C ASN A 171 -21.82 -10.54 -8.65
N THR A 172 -21.46 -10.73 -9.92
CA THR A 172 -20.95 -12.04 -10.36
C THR A 172 -19.56 -12.35 -9.80
N VAL A 173 -18.85 -11.32 -9.34
CA VAL A 173 -17.57 -11.56 -8.68
C VAL A 173 -17.64 -11.28 -7.18
N PHE A 174 -18.84 -11.08 -6.66
CA PHE A 174 -19.04 -10.95 -5.23
C PHE A 174 -18.97 -12.32 -4.54
N ASN A 175 -18.20 -12.39 -3.47
CA ASN A 175 -18.08 -13.60 -2.67
C ASN A 175 -18.82 -13.30 -1.36
N ALA A 176 -20.00 -13.87 -1.21
CA ALA A 176 -20.87 -13.53 -0.09
C ALA A 176 -20.37 -14.06 1.26
N GLU A 177 -19.47 -15.04 1.23
CA GLU A 177 -18.95 -15.57 2.48
C GLU A 177 -17.95 -14.61 3.11
N THR A 178 -17.11 -13.99 2.27
CA THR A 178 -16.07 -13.10 2.77
C THR A 178 -16.42 -11.63 2.55
N GLY A 179 -17.64 -11.36 2.10
CA GLY A 179 -18.03 -9.99 1.83
C GLY A 179 -17.05 -9.25 0.93
N THR A 180 -16.50 -9.95 -0.05
CA THR A 180 -15.44 -9.41 -0.88
C THR A 180 -15.81 -9.45 -2.37
N TRP A 181 -15.64 -8.33 -3.06
CA TRP A 181 -15.67 -8.37 -4.52
C TRP A 181 -14.31 -8.75 -5.03
N GLU A 182 -14.25 -9.89 -5.73
CA GLU A 182 -12.98 -10.43 -6.19
C GLU A 182 -12.73 -10.12 -7.66
N CYS A 183 -11.92 -9.09 -7.90
CA CYS A 183 -11.69 -8.57 -9.25
C CYS A 183 -10.27 -8.88 -9.73
N GLY A 184 -10.04 -10.13 -10.10
CA GLY A 184 -8.70 -10.54 -10.48
C GLY A 184 -7.74 -10.40 -9.32
N ARG A 185 -6.70 -9.60 -9.52
CA ARG A 185 -5.67 -9.39 -8.51
C ARG A 185 -6.11 -8.31 -7.53
N LEU A 186 -7.22 -7.66 -7.82
CA LEU A 186 -7.79 -6.66 -6.93
C LEU A 186 -8.93 -7.23 -6.11
N SER A 187 -9.05 -6.78 -4.86
CA SER A 187 -10.16 -7.17 -4.00
C SER A 187 -10.71 -5.96 -3.26
N TYR A 188 -12.03 -5.93 -3.09
CA TYR A 188 -12.64 -4.88 -2.30
C TYR A 188 -13.46 -5.57 -1.21
N CYS A 189 -13.22 -5.24 0.04
CA CYS A 189 -13.79 -5.91 1.18
C CYS A 189 -14.50 -4.89 2.06
N LEU A 190 -15.61 -5.27 2.65
CA LEU A 190 -16.38 -4.37 3.50
C LEU A 190 -15.71 -4.17 4.84
N LEU A 201 -25.23 -4.23 6.02
CA LEU A 201 -26.40 -4.93 5.48
C LEU A 201 -27.66 -4.09 5.65
N LEU A 202 -27.47 -2.80 5.93
CA LEU A 202 -28.59 -1.87 6.02
C LEU A 202 -28.43 -0.93 4.82
N GLU A 203 -27.18 -0.65 4.49
CA GLU A 203 -26.85 -0.01 3.23
C GLU A 203 -27.53 -0.82 2.14
N PRO A 204 -28.46 -0.19 1.40
CA PRO A 204 -29.20 -0.88 0.34
C PRO A 204 -28.31 -1.60 -0.68
N MET A 205 -27.19 -0.97 -1.04
CA MET A 205 -26.32 -1.55 -2.06
C MET A 205 -25.72 -2.85 -1.61
N LEU A 206 -25.30 -2.91 -0.35
CA LEU A 206 -24.65 -4.09 0.15
C LEU A 206 -25.65 -5.23 0.32
N LYS A 207 -26.83 -4.90 0.80
CA LYS A 207 -27.85 -5.91 0.97
C LYS A 207 -28.35 -6.38 -0.38
N PHE A 208 -28.26 -5.48 -1.37
CA PHE A 208 -28.59 -5.86 -2.73
C PHE A 208 -27.70 -7.01 -3.20
N HIS A 209 -26.39 -6.89 -2.98
CA HIS A 209 -25.46 -7.89 -3.47
C HIS A 209 -25.56 -9.23 -2.75
N TYR A 210 -25.84 -9.20 -1.46
CA TYR A 210 -26.06 -10.45 -0.72
C TYR A 210 -27.33 -11.13 -1.21
N MET A 211 -28.33 -10.32 -1.52
CA MET A 211 -29.64 -10.82 -1.88
C MET A 211 -29.63 -11.42 -3.29
N LEU A 212 -29.03 -10.70 -4.24
CA LEU A 212 -28.93 -11.20 -5.60
C LEU A 212 -28.07 -12.46 -5.61
N LYS A 213 -27.01 -12.46 -4.82
CA LYS A 213 -26.12 -13.60 -4.80
C LYS A 213 -26.83 -14.86 -4.30
N LYS A 214 -27.75 -14.68 -3.36
CA LYS A 214 -28.51 -15.81 -2.82
C LYS A 214 -29.33 -16.53 -3.88
N LEU A 215 -29.69 -15.82 -4.95
CA LEU A 215 -30.52 -16.45 -5.98
C LEU A 215 -29.70 -17.40 -6.85
N GLN A 216 -28.37 -17.30 -6.75
CA GLN A 216 -27.48 -18.18 -7.48
C GLN A 216 -27.88 -18.23 -8.96
N LEU A 217 -27.88 -17.09 -9.62
CA LEU A 217 -28.31 -17.04 -11.00
C LEU A 217 -27.29 -17.68 -11.94
N HIS A 218 -27.76 -18.11 -13.09
CA HIS A 218 -26.89 -18.54 -14.18
C HIS A 218 -26.37 -17.31 -14.94
N GLU A 219 -25.31 -17.50 -15.72
CA GLU A 219 -24.80 -16.43 -16.57
C GLU A 219 -25.91 -15.87 -17.47
N GLU A 220 -26.72 -16.76 -18.03
CA GLU A 220 -27.81 -16.34 -18.92
C GLU A 220 -28.80 -15.43 -18.18
N GLU A 221 -29.05 -15.73 -16.92
CA GLU A 221 -30.00 -14.93 -16.18
C GLU A 221 -29.43 -13.57 -15.84
N TYR A 222 -28.15 -13.52 -15.47
CA TYR A 222 -27.49 -12.23 -15.27
C TYR A 222 -27.54 -11.36 -16.54
N VAL A 223 -27.30 -11.98 -17.70
CA VAL A 223 -27.15 -11.19 -18.91
C VAL A 223 -28.52 -10.75 -19.39
N LEU A 224 -29.54 -11.56 -19.14
CA LEU A 224 -30.91 -11.12 -19.39
C LEU A 224 -31.29 -9.98 -18.42
N MET A 225 -30.89 -10.08 -17.16
CA MET A 225 -31.09 -8.97 -16.23
C MET A 225 -30.50 -7.69 -16.77
N GLN A 226 -29.29 -7.80 -17.34
CA GLN A 226 -28.60 -6.65 -17.89
C GLN A 226 -29.40 -6.04 -19.04
N ALA A 227 -29.98 -6.91 -19.88
CA ALA A 227 -30.76 -6.45 -21.03
C ALA A 227 -32.00 -5.72 -20.57
N ILE A 228 -32.69 -6.31 -19.59
CA ILE A 228 -33.93 -5.73 -19.10
C ILE A 228 -33.66 -4.38 -18.49
N SER A 229 -32.59 -4.25 -17.72
CA SER A 229 -32.21 -2.95 -17.18
C SER A 229 -31.80 -1.97 -18.28
N LEU A 230 -31.00 -2.44 -19.24
CA LEU A 230 -30.51 -1.56 -20.30
C LEU A 230 -31.67 -0.98 -21.13
N PHE A 231 -32.62 -1.83 -21.51
CA PHE A 231 -33.73 -1.39 -22.35
C PHE A 231 -34.94 -0.98 -21.52
N SER A 232 -34.74 -0.03 -20.61
CA SER A 232 -35.84 0.53 -19.82
C SER A 232 -36.40 1.72 -20.57
N PRO A 233 -37.67 1.63 -21.02
CA PRO A 233 -38.31 2.69 -21.81
C PRO A 233 -38.45 3.99 -21.04
N ASP A 234 -38.46 3.88 -19.72
CA ASP A 234 -38.75 5.03 -18.86
C ASP A 234 -37.52 5.74 -18.32
N ARG A 235 -36.46 5.80 -19.14
CA ARG A 235 -35.28 6.56 -18.77
C ARG A 235 -35.44 7.99 -19.27
N PRO A 236 -34.86 8.96 -18.54
CA PRO A 236 -34.89 10.35 -19.01
C PRO A 236 -34.35 10.49 -20.42
N GLY A 237 -35.12 11.15 -21.29
CA GLY A 237 -34.63 11.52 -22.60
C GLY A 237 -34.87 10.49 -23.68
N VAL A 238 -35.52 9.38 -23.34
CA VAL A 238 -35.81 8.35 -24.31
C VAL A 238 -36.93 8.82 -25.23
N LEU A 239 -36.80 8.55 -26.53
CA LEU A 239 -37.81 8.94 -27.49
C LEU A 239 -38.63 7.76 -27.98
N GLN A 240 -37.95 6.74 -28.49
CA GLN A 240 -38.64 5.57 -29.00
C GLN A 240 -39.17 4.72 -27.85
N HIS A 241 -39.98 5.33 -27.00
CA HIS A 241 -40.51 4.65 -25.82
C HIS A 241 -41.16 3.33 -26.18
N ARG A 242 -41.93 3.35 -27.26
CA ARG A 242 -42.72 2.20 -27.68
C ARG A 242 -41.82 1.03 -28.05
N VAL A 243 -40.83 1.32 -28.89
CA VAL A 243 -39.92 0.30 -29.38
C VAL A 243 -39.11 -0.31 -28.24
N VAL A 244 -38.59 0.54 -27.37
CA VAL A 244 -37.79 0.09 -26.23
C VAL A 244 -38.62 -0.82 -25.34
N ASP A 245 -39.85 -0.43 -25.08
CA ASP A 245 -40.75 -1.21 -24.23
C ASP A 245 -40.96 -2.60 -24.81
N GLN A 246 -41.21 -2.68 -26.10
CA GLN A 246 -41.45 -3.97 -26.74
C GLN A 246 -40.20 -4.84 -26.66
N LEU A 247 -39.03 -4.21 -26.79
CA LEU A 247 -37.77 -4.94 -26.63
C LEU A 247 -37.58 -5.46 -25.20
N GLN A 248 -37.82 -4.60 -24.22
CA GLN A 248 -37.69 -5.04 -22.83
C GLN A 248 -38.65 -6.20 -22.57
N GLU A 249 -39.88 -6.06 -23.03
CA GLU A 249 -40.87 -7.12 -22.80
C GLU A 249 -40.38 -8.42 -23.42
N GLN A 250 -39.82 -8.34 -24.63
CA GLN A 250 -39.21 -9.52 -25.25
C GLN A 250 -38.17 -10.18 -24.36
N PHE A 251 -37.31 -9.37 -23.74
CA PHE A 251 -36.26 -9.90 -22.88
C PHE A 251 -36.83 -10.54 -21.62
N ALA A 252 -37.80 -9.86 -21.01
CA ALA A 252 -38.44 -10.38 -19.80
C ALA A 252 -39.15 -11.68 -20.10
N ILE A 253 -39.91 -11.70 -21.21
CA ILE A 253 -40.54 -12.94 -21.63
C ILE A 253 -39.49 -14.00 -21.83
N THR A 254 -38.41 -13.66 -22.55
CA THR A 254 -37.33 -14.62 -22.73
C THR A 254 -36.76 -15.12 -21.41
N LEU A 255 -36.60 -14.21 -20.44
CA LEU A 255 -36.07 -14.61 -19.13
C LEU A 255 -37.04 -15.55 -18.40
N LYS A 256 -38.31 -15.17 -18.38
CA LYS A 256 -39.36 -16.01 -17.82
C LYS A 256 -39.32 -17.42 -18.45
N SER A 257 -39.28 -17.48 -19.77
CA SER A 257 -39.27 -18.76 -20.44
C SER A 257 -38.04 -19.59 -20.08
N TYR A 258 -36.87 -18.94 -20.07
CA TYR A 258 -35.65 -19.63 -19.66
C TYR A 258 -35.80 -20.31 -18.31
N ILE A 259 -36.47 -19.65 -17.38
CA ILE A 259 -36.60 -20.17 -16.02
C ILE A 259 -37.56 -21.36 -15.97
N GLU A 260 -38.68 -21.25 -16.68
CA GLU A 260 -39.61 -22.38 -16.79
C GLU A 260 -38.90 -23.62 -17.32
N CYS A 261 -38.08 -23.43 -18.34
CA CYS A 261 -37.49 -24.55 -19.07
C CYS A 261 -36.29 -25.19 -18.38
N ASN A 262 -35.50 -24.39 -17.67
CA ASN A 262 -34.19 -24.86 -17.22
C ASN A 262 -34.08 -25.14 -15.75
N ARG A 263 -35.02 -24.62 -14.97
CA ARG A 263 -34.99 -24.86 -13.56
C ARG A 263 -36.13 -25.77 -13.14
N PRO A 264 -35.86 -26.70 -12.21
CA PRO A 264 -36.89 -27.60 -11.70
C PRO A 264 -38.16 -26.82 -11.36
N GLN A 265 -39.30 -27.49 -11.48
CA GLN A 265 -40.58 -26.84 -11.28
C GLN A 265 -40.68 -26.19 -9.89
N PRO A 266 -41.60 -26.68 -9.03
CA PRO A 266 -42.25 -25.73 -8.11
C PRO A 266 -41.29 -24.85 -7.29
N ALA A 267 -40.05 -25.30 -7.16
CA ALA A 267 -39.10 -24.62 -6.27
C ALA A 267 -38.65 -23.25 -6.81
N HIS A 268 -38.64 -23.10 -8.14
CA HIS A 268 -38.23 -21.85 -8.77
C HIS A 268 -39.43 -21.15 -9.36
N ARG A 269 -40.58 -21.47 -8.77
CA ARG A 269 -41.87 -20.94 -9.17
C ARG A 269 -41.89 -19.43 -9.31
N PHE A 270 -41.26 -18.74 -8.37
CA PHE A 270 -41.32 -17.28 -8.38
C PHE A 270 -39.98 -16.59 -8.68
N LEU A 271 -39.01 -17.34 -9.19
CA LEU A 271 -37.67 -16.79 -9.38
C LEU A 271 -37.70 -15.55 -10.27
N PHE A 272 -38.45 -15.63 -11.38
CA PHE A 272 -38.53 -14.51 -12.29
C PHE A 272 -39.04 -13.24 -11.63
N LEU A 273 -40.06 -13.37 -10.78
CA LEU A 273 -40.61 -12.21 -10.09
C LEU A 273 -39.63 -11.66 -9.07
N LYS A 274 -38.86 -12.56 -8.46
CA LYS A 274 -37.82 -12.13 -7.53
C LYS A 274 -36.73 -11.33 -8.26
N ILE A 275 -36.32 -11.83 -9.42
CA ILE A 275 -35.34 -11.10 -10.25
C ILE A 275 -35.90 -9.74 -10.63
N MET A 276 -37.17 -9.68 -11.04
CA MET A 276 -37.76 -8.39 -11.38
C MET A 276 -37.81 -7.46 -10.17
N ALA A 277 -37.93 -8.04 -8.96
CA ALA A 277 -37.97 -7.21 -7.77
C ALA A 277 -36.58 -6.64 -7.48
N MET A 278 -35.56 -7.46 -7.70
CA MET A 278 -34.19 -7.00 -7.55
C MET A 278 -33.86 -5.85 -8.51
N LEU A 279 -34.36 -5.93 -9.74
CA LEU A 279 -34.13 -4.86 -10.70
C LEU A 279 -34.76 -3.56 -10.22
N THR A 280 -35.95 -3.66 -9.64
CA THR A 280 -36.65 -2.48 -9.15
C THR A 280 -35.85 -1.86 -8.02
N GLU A 281 -35.35 -2.70 -7.14
CA GLU A 281 -34.53 -2.24 -6.02
C GLU A 281 -33.21 -1.64 -6.48
N LEU A 282 -32.65 -2.20 -7.55
CA LEU A 282 -31.41 -1.68 -8.11
C LEU A 282 -31.64 -0.29 -8.69
N ARG A 283 -32.79 -0.11 -9.33
CA ARG A 283 -33.11 1.16 -9.96
C ARG A 283 -33.18 2.26 -8.91
N SER A 284 -33.70 1.91 -7.74
CA SER A 284 -33.77 2.86 -6.62
C SER A 284 -32.39 3.15 -6.08
N ILE A 285 -31.56 2.13 -5.99
CA ILE A 285 -30.18 2.30 -5.50
C ILE A 285 -29.38 3.17 -6.46
N ASN A 286 -29.67 3.03 -7.75
CA ASN A 286 -29.05 3.85 -8.79
C ASN A 286 -29.31 5.32 -8.48
N ALA A 287 -30.59 5.69 -8.41
CA ALA A 287 -30.98 7.06 -8.08
C ALA A 287 -30.34 7.57 -6.78
N GLN A 288 -30.44 6.78 -5.71
CA GLN A 288 -29.86 7.16 -4.43
C GLN A 288 -28.36 7.40 -4.56
N HIS A 289 -27.70 6.57 -5.36
CA HIS A 289 -26.25 6.64 -5.47
C HIS A 289 -25.80 7.80 -6.35
N THR A 290 -26.57 8.11 -7.39
CA THR A 290 -26.31 9.27 -8.22
C THR A 290 -26.33 10.55 -7.39
N GLN A 291 -27.29 10.66 -6.47
CA GLN A 291 -27.41 11.88 -5.67
C GLN A 291 -26.23 12.02 -4.72
N ARG A 292 -25.77 10.90 -4.18
CA ARG A 292 -24.57 10.91 -3.33
C ARG A 292 -23.36 11.39 -4.12
N LEU A 293 -23.18 10.84 -5.31
CA LEU A 293 -22.01 11.14 -6.12
C LEU A 293 -21.99 12.62 -6.52
N LEU A 294 -23.18 13.16 -6.81
CA LEU A 294 -23.33 14.56 -7.18
C LEU A 294 -23.00 15.52 -6.04
N ARG A 295 -23.28 15.12 -4.80
CA ARG A 295 -22.96 15.93 -3.64
C ARG A 295 -21.47 15.96 -3.36
N ILE A 296 -20.84 14.79 -3.47
CA ILE A 296 -19.40 14.68 -3.26
C ILE A 296 -18.66 15.45 -4.34
N GLN A 297 -19.03 15.21 -5.59
CA GLN A 297 -18.44 15.88 -6.74
C GLN A 297 -18.48 17.39 -6.53
N ASP A 298 -19.59 17.86 -5.95
CA ASP A 298 -19.85 19.28 -5.79
C ASP A 298 -18.78 19.95 -4.92
N ILE A 299 -18.41 19.29 -3.82
CA ILE A 299 -17.45 19.89 -2.90
C ILE A 299 -16.04 19.38 -3.17
N HIS A 300 -15.92 18.16 -3.67
CA HIS A 300 -14.61 17.59 -3.96
C HIS A 300 -14.60 16.81 -5.28
N PRO A 301 -14.31 17.50 -6.40
CA PRO A 301 -14.35 16.89 -7.74
C PRO A 301 -13.46 15.68 -7.87
N PHE A 302 -13.99 14.60 -8.43
CA PHE A 302 -13.24 13.36 -8.54
C PHE A 302 -13.59 12.59 -9.81
N ALA A 303 -14.77 12.85 -10.36
CA ALA A 303 -15.27 12.09 -11.49
C ALA A 303 -14.42 12.29 -12.75
N THR A 304 -14.22 11.20 -13.49
CA THR A 304 -13.55 11.25 -14.76
C THR A 304 -14.44 11.93 -15.79
N PRO A 305 -13.87 12.30 -16.95
CA PRO A 305 -14.66 12.90 -18.02
C PRO A 305 -15.86 12.06 -18.40
N LEU A 306 -15.67 10.76 -18.60
CA LEU A 306 -16.78 9.90 -19.00
C LEU A 306 -17.88 9.91 -17.93
N MET A 307 -17.47 9.83 -16.67
CA MET A 307 -18.42 9.86 -15.55
C MET A 307 -19.18 11.18 -15.52
N GLN A 308 -18.47 12.28 -15.82
CA GLN A 308 -19.14 13.57 -15.88
C GLN A 308 -20.24 13.56 -16.95
N GLU A 309 -19.98 12.93 -18.09
CA GLU A 309 -21.00 12.85 -19.14
C GLU A 309 -22.19 12.01 -18.70
N LEU A 310 -21.94 10.90 -18.01
CA LEU A 310 -23.01 9.99 -17.64
C LEU A 310 -23.93 10.57 -16.57
N PHE A 311 -23.34 11.19 -15.55
CA PHE A 311 -24.11 11.65 -14.41
C PHE A 311 -24.61 13.10 -14.55
N GLY A 312 -24.24 13.74 -15.66
CA GLY A 312 -24.75 15.07 -15.93
C GLY A 312 -23.95 16.18 -15.28
N ILE A 313 -22.65 15.94 -15.09
CA ILE A 313 -21.79 16.87 -14.39
C ILE A 313 -21.21 17.95 -15.30
N SER A 325 -27.95 23.03 -26.84
CA SER A 325 -26.73 22.25 -26.85
C SER A 325 -26.91 20.93 -27.58
N SER A 326 -27.86 20.11 -27.10
CA SER A 326 -28.16 18.78 -27.63
C SER A 326 -27.55 17.64 -26.82
N LEU A 327 -28.07 16.44 -27.05
CA LEU A 327 -27.65 15.25 -26.30
C LEU A 327 -26.25 14.80 -26.71
N THR A 328 -26.01 14.65 -28.01
CA THR A 328 -24.71 14.20 -28.50
C THR A 328 -23.61 15.21 -28.18
N GLU A 329 -24.00 16.47 -28.02
CA GLU A 329 -23.03 17.54 -27.80
C GLU A 329 -22.66 17.64 -26.34
N ARG A 330 -23.59 17.25 -25.47
CA ARG A 330 -23.33 17.19 -24.04
C ARG A 330 -22.65 15.87 -23.68
N HIS A 331 -22.42 15.02 -24.67
CA HIS A 331 -21.92 13.67 -24.41
C HIS A 331 -20.90 13.20 -25.45
N LYS A 332 -19.93 14.05 -25.78
CA LYS A 332 -19.06 13.79 -26.91
C LYS A 332 -18.25 12.51 -26.76
N ILE A 333 -17.83 12.20 -25.54
CA ILE A 333 -17.06 11.00 -25.29
C ILE A 333 -17.92 9.75 -25.48
N LEU A 334 -19.08 9.74 -24.84
CA LEU A 334 -20.00 8.62 -24.95
C LEU A 334 -20.28 8.38 -26.42
N HIS A 335 -20.59 9.45 -27.13
CA HIS A 335 -20.92 9.36 -28.55
C HIS A 335 -19.76 8.74 -29.33
N ARG A 336 -18.57 9.27 -29.13
CA ARG A 336 -17.39 8.72 -29.77
C ARG A 336 -17.30 7.22 -29.50
N LEU A 337 -17.41 6.83 -28.23
CA LEU A 337 -17.28 5.43 -27.84
C LEU A 337 -18.33 4.55 -28.50
N LEU A 338 -19.49 5.12 -28.76
CA LEU A 338 -20.57 4.39 -29.41
C LEU A 338 -20.35 4.32 -30.92
N GLN A 339 -19.59 5.28 -31.44
CA GLN A 339 -19.44 5.48 -32.88
C GLN A 339 -18.40 4.51 -33.47
N GLU A 340 -17.41 4.15 -32.67
CA GLU A 340 -16.32 3.28 -33.11
C GLU A 340 -16.64 1.81 -32.86
N GLY B 24 29.71 9.39 42.03
CA GLY B 24 29.34 10.29 40.90
C GLY B 24 30.39 10.31 39.80
N LEU B 25 30.07 10.99 38.71
CA LEU B 25 30.98 11.07 37.57
C LEU B 25 31.86 12.31 37.72
N THR B 26 33.08 12.24 37.19
CA THR B 26 33.93 13.43 37.13
C THR B 26 33.21 14.49 36.32
N GLU B 27 33.65 15.73 36.42
CA GLU B 27 33.07 16.80 35.63
C GLU B 27 33.23 16.48 34.15
N GLU B 28 34.41 16.00 33.79
CA GLU B 28 34.75 15.80 32.39
C GLU B 28 33.86 14.74 31.78
N GLN B 29 33.44 13.78 32.60
CA GLN B 29 32.60 12.68 32.14
C GLN B 29 31.16 13.13 31.99
N ARG B 30 30.65 13.86 32.98
CA ARG B 30 29.32 14.47 32.86
C ARG B 30 29.27 15.24 31.55
N MET B 31 30.31 16.01 31.29
CA MET B 31 30.34 16.88 30.11
C MET B 31 30.32 16.03 28.86
N MET B 32 31.13 14.98 28.87
CA MET B 32 31.23 14.06 27.75
C MET B 32 29.86 13.46 27.41
N ILE B 33 29.17 12.94 28.42
CA ILE B 33 27.86 12.36 28.21
C ILE B 33 26.88 13.41 27.69
N ARG B 34 27.00 14.64 28.20
CA ARG B 34 26.13 15.73 27.77
C ARG B 34 26.31 16.01 26.27
N GLU B 35 27.56 16.03 25.82
CA GLU B 35 27.85 16.32 24.43
C GLU B 35 27.32 15.21 23.51
N LEU B 36 27.46 13.96 23.94
CA LEU B 36 27.02 12.82 23.13
C LEU B 36 25.51 12.79 23.04
N MET B 37 24.86 13.02 24.18
CA MET B 37 23.40 13.04 24.25
C MET B 37 22.81 14.18 23.43
N ASP B 38 23.47 15.34 23.48
CA ASP B 38 23.04 16.50 22.73
C ASP B 38 23.16 16.15 21.24
N ALA B 39 24.30 15.56 20.89
CA ALA B 39 24.57 15.13 19.52
C ALA B 39 23.53 14.13 19.00
N GLN B 40 23.20 13.14 19.84
CA GLN B 40 22.19 12.14 19.53
C GLN B 40 20.86 12.83 19.21
N MET B 41 20.44 13.71 20.10
CA MET B 41 19.17 14.42 19.97
C MET B 41 19.14 15.25 18.69
N LYS B 42 20.24 15.90 18.38
CA LYS B 42 20.29 16.75 17.19
C LYS B 42 20.27 15.99 15.87
N THR B 43 20.61 14.71 15.86
CA THR B 43 20.86 14.01 14.61
C THR B 43 20.13 12.66 14.49
N PHE B 44 19.28 12.36 15.46
CA PHE B 44 18.52 11.11 15.38
C PHE B 44 17.04 11.48 15.39
N ASP B 45 16.42 11.44 14.22
CA ASP B 45 15.01 11.72 14.08
C ASP B 45 14.26 10.43 14.40
N THR B 46 13.75 10.31 15.62
CA THR B 46 13.20 9.05 16.07
C THR B 46 11.79 8.83 15.55
N THR B 47 11.19 9.89 15.00
CA THR B 47 9.89 9.80 14.36
C THR B 47 10.02 9.61 12.86
N PHE B 48 11.25 9.59 12.36
CA PHE B 48 11.52 9.39 10.93
C PHE B 48 10.67 10.29 10.05
N SER B 49 10.28 11.44 10.59
CA SER B 49 9.37 12.34 9.87
C SER B 49 9.99 12.92 8.60
N HIS B 50 11.32 12.92 8.50
CA HIS B 50 11.98 13.46 7.32
C HIS B 50 12.54 12.38 6.39
N PHE B 51 12.19 11.12 6.65
CA PHE B 51 12.47 10.04 5.69
C PHE B 51 11.43 10.06 4.58
N LYS B 52 11.86 10.49 3.38
CA LYS B 52 10.92 10.71 2.28
C LYS B 52 11.47 10.28 0.92
N ASN B 53 10.57 10.12 -0.04
CA ASN B 53 10.94 9.82 -1.42
C ASN B 53 11.73 8.52 -1.52
N PHE B 54 11.37 7.55 -0.68
CA PHE B 54 11.96 6.23 -0.76
C PHE B 54 11.20 5.39 -1.78
N ARG B 55 11.88 4.40 -2.33
CA ARG B 55 11.27 3.44 -3.23
C ARG B 55 10.43 2.43 -2.44
N LEU B 56 9.44 1.84 -3.11
CA LEU B 56 8.60 0.82 -2.50
C LEU B 56 8.45 -0.36 -3.47
N PRO B 57 8.15 -1.55 -2.95
CA PRO B 57 7.92 -2.68 -3.87
C PRO B 57 6.80 -2.32 -4.85
N GLY B 58 6.97 -2.69 -6.11
CA GLY B 58 5.96 -2.39 -7.11
C GLY B 58 4.60 -2.92 -6.70
N VAL B 59 3.54 -2.33 -7.23
CA VAL B 59 2.19 -2.77 -6.90
C VAL B 59 1.83 -4.07 -7.63
N LEU B 60 2.47 -4.30 -8.78
CA LEU B 60 2.14 -5.45 -9.63
C LEU B 60 0.64 -5.65 -9.74
N TRP B 81 24.20 -18.06 -5.62
CA TRP B 81 22.76 -17.89 -5.81
C TRP B 81 22.00 -18.60 -4.70
N SER B 82 22.50 -19.76 -4.30
CA SER B 82 21.89 -20.52 -3.21
C SER B 82 22.22 -19.88 -1.88
N GLN B 83 23.42 -19.33 -1.76
CA GLN B 83 23.83 -18.64 -0.56
C GLN B 83 23.01 -17.35 -0.43
N VAL B 84 22.87 -16.65 -1.54
CA VAL B 84 22.14 -15.38 -1.55
C VAL B 84 20.71 -15.56 -1.05
N ARG B 85 20.07 -16.66 -1.41
CA ARG B 85 18.69 -16.91 -0.99
C ARG B 85 18.59 -17.15 0.51
N LYS B 86 19.62 -17.73 1.09
CA LYS B 86 19.62 -18.02 2.52
C LYS B 86 19.67 -16.71 3.31
N ASP B 87 20.47 -15.76 2.81
CA ASP B 87 20.62 -14.47 3.46
C ASP B 87 19.28 -13.75 3.55
N LEU B 88 18.69 -13.48 2.39
CA LEU B 88 17.44 -12.74 2.30
C LEU B 88 16.33 -13.30 3.20
N CYS B 89 16.29 -14.62 3.33
CA CYS B 89 15.17 -15.28 3.99
C CYS B 89 15.23 -15.13 5.51
N SER B 90 16.43 -15.15 6.05
CA SER B 90 16.61 -15.00 7.50
C SER B 90 15.91 -13.72 7.97
N LEU B 91 16.08 -12.66 7.20
CA LEU B 91 15.66 -11.32 7.60
C LEU B 91 14.44 -10.84 6.81
N LYS B 92 13.39 -11.66 6.81
CA LYS B 92 12.17 -11.33 6.07
C LYS B 92 11.24 -10.49 6.93
N VAL B 93 10.85 -9.32 6.41
CA VAL B 93 9.90 -8.45 7.11
C VAL B 93 8.73 -8.03 6.22
N SER B 94 7.59 -7.79 6.86
CA SER B 94 6.49 -7.09 6.21
C SER B 94 6.53 -5.60 6.56
N LEU B 95 6.04 -4.77 5.65
CA LEU B 95 6.18 -3.32 5.77
C LEU B 95 4.82 -2.65 5.97
N GLN B 96 4.74 -1.79 7.00
CA GLN B 96 3.53 -1.01 7.23
C GLN B 96 3.79 0.50 7.17
N LEU B 97 2.91 1.22 6.48
CA LEU B 97 2.96 2.69 6.48
C LEU B 97 1.63 3.27 6.91
N ARG B 98 1.65 4.05 7.98
CA ARG B 98 0.45 4.68 8.49
C ARG B 98 0.35 6.09 7.95
N GLY B 99 -0.80 6.42 7.38
CA GLY B 99 -0.99 7.75 6.84
C GLY B 99 -1.20 8.74 7.96
N GLU B 100 -0.80 9.98 7.72
CA GLU B 100 -1.02 11.04 8.70
C GLU B 100 -2.49 11.37 8.81
N ASP B 101 -3.34 10.43 8.41
CA ASP B 101 -4.79 10.62 8.41
C ASP B 101 -5.51 9.47 9.10
N GLY B 102 -4.77 8.41 9.40
CA GLY B 102 -5.36 7.22 9.99
C GLY B 102 -5.25 5.99 9.12
N SER B 103 -5.00 6.19 7.83
CA SER B 103 -4.97 5.09 6.86
C SER B 103 -3.76 4.18 7.07
N VAL B 104 -3.85 2.95 6.58
CA VAL B 104 -2.71 2.04 6.65
C VAL B 104 -2.48 1.23 5.37
N TRP B 105 -1.29 1.36 4.80
CA TRP B 105 -0.86 0.43 3.78
C TRP B 105 0.00 -0.64 4.43
N ASN B 106 -0.27 -1.90 4.10
CA ASN B 106 0.57 -2.99 4.56
C ASN B 106 1.09 -3.77 3.35
N TYR B 107 2.38 -4.11 3.37
CA TYR B 107 2.97 -4.88 2.30
C TYR B 107 3.57 -6.19 2.81
N LYS B 108 3.03 -7.31 2.33
CA LYS B 108 3.55 -8.61 2.69
C LYS B 108 4.41 -9.13 1.56
N PRO B 109 5.64 -9.59 1.88
CA PRO B 109 6.57 -10.02 0.84
C PRO B 109 6.16 -11.35 0.22
N PRO B 110 6.64 -11.61 -1.00
CA PRO B 110 6.36 -12.90 -1.64
C PRO B 110 7.07 -14.03 -0.91
N ALA B 111 6.45 -15.21 -0.89
CA ALA B 111 7.17 -16.42 -0.50
C ALA B 111 8.29 -16.63 -1.53
N ASP B 112 9.40 -17.25 -1.10
CA ASP B 112 10.49 -17.53 -2.02
C ASP B 112 10.08 -18.66 -2.97
N SER B 113 9.69 -18.30 -4.18
CA SER B 113 9.32 -19.28 -5.19
C SER B 113 10.17 -19.07 -6.44
N GLY B 114 11.43 -19.51 -6.36
CA GLY B 114 12.39 -19.18 -7.39
C GLY B 114 13.28 -18.04 -6.93
N GLY B 115 13.55 -17.09 -7.82
CA GLY B 115 14.32 -15.93 -7.44
C GLY B 115 13.79 -14.64 -8.04
N LYS B 116 14.41 -13.52 -7.68
CA LYS B 116 14.08 -12.19 -8.21
C LYS B 116 12.98 -11.48 -7.44
N GLU B 117 11.99 -12.23 -6.98
CA GLU B 117 10.91 -11.66 -6.17
C GLU B 117 11.40 -11.49 -4.74
N ILE B 118 12.48 -12.20 -4.42
CA ILE B 118 13.09 -12.12 -3.10
C ILE B 118 13.85 -10.81 -2.91
N PHE B 119 13.98 -10.02 -3.98
CA PHE B 119 14.69 -8.75 -3.95
C PHE B 119 13.76 -7.53 -3.84
N SER B 120 12.47 -7.78 -3.69
CA SER B 120 11.47 -6.72 -3.80
C SER B 120 11.66 -5.55 -2.82
N LEU B 121 12.08 -5.85 -1.60
CA LEU B 121 12.24 -4.81 -0.57
C LEU B 121 13.63 -4.16 -0.51
N LEU B 122 14.54 -4.61 -1.37
CA LEU B 122 15.92 -4.16 -1.27
C LEU B 122 16.10 -2.68 -1.54
N PRO B 123 15.45 -2.15 -2.59
CA PRO B 123 15.59 -0.71 -2.87
C PRO B 123 15.09 0.11 -1.68
N HIS B 124 13.97 -0.30 -1.11
CA HIS B 124 13.44 0.38 0.07
C HIS B 124 14.40 0.30 1.24
N MET B 125 14.93 -0.89 1.50
CA MET B 125 15.86 -1.10 2.61
C MET B 125 17.10 -0.24 2.40
N ALA B 126 17.49 -0.08 1.15
CA ALA B 126 18.68 0.69 0.84
C ALA B 126 18.42 2.16 1.09
N ASP B 127 17.20 2.62 0.80
CA ASP B 127 16.84 4.01 1.05
C ASP B 127 16.80 4.30 2.55
N MET B 128 16.28 3.35 3.33
CA MET B 128 16.18 3.51 4.78
C MET B 128 17.58 3.51 5.42
N SER B 129 18.43 2.60 4.95
CA SER B 129 19.79 2.49 5.45
C SER B 129 20.60 3.73 5.09
N THR B 130 20.36 4.27 3.90
CA THR B 130 21.01 5.51 3.49
C THR B 130 20.57 6.68 4.37
N TYR B 131 19.27 6.78 4.65
CA TYR B 131 18.79 7.81 5.57
C TYR B 131 19.41 7.67 6.97
N MET B 132 19.54 6.43 7.46
CA MET B 132 20.14 6.21 8.78
C MET B 132 21.61 6.60 8.78
N PHE B 133 22.33 6.17 7.74
CA PHE B 133 23.75 6.45 7.63
C PHE B 133 24.01 7.96 7.67
N LYS B 134 23.22 8.74 6.94
CA LYS B 134 23.38 10.18 6.96
C LYS B 134 23.17 10.76 8.36
N GLY B 135 22.24 10.17 9.12
CA GLY B 135 22.04 10.61 10.49
C GLY B 135 23.27 10.29 11.34
N ILE B 136 23.86 9.12 11.10
CA ILE B 136 25.08 8.72 11.77
C ILE B 136 26.24 9.63 11.41
N ILE B 137 26.30 10.03 10.14
CA ILE B 137 27.36 10.93 9.71
C ILE B 137 27.22 12.27 10.42
N SER B 138 26.00 12.77 10.53
CA SER B 138 25.75 14.01 11.25
C SER B 138 26.14 13.89 12.71
N PHE B 139 25.76 12.77 13.32
CA PHE B 139 26.14 12.45 14.69
C PHE B 139 27.64 12.57 14.91
N ALA B 140 28.45 11.92 14.07
CA ALA B 140 29.89 11.98 14.25
C ALA B 140 30.39 13.42 14.08
N LYS B 141 29.86 14.10 13.07
CA LYS B 141 30.24 15.48 12.77
C LYS B 141 30.12 16.47 13.93
N VAL B 142 29.10 16.33 14.78
CA VAL B 142 28.91 17.29 15.86
C VAL B 142 29.74 16.98 17.11
N ILE B 143 30.40 15.83 17.13
CA ILE B 143 31.26 15.48 18.26
C ILE B 143 32.66 16.08 18.13
N SER B 144 33.02 16.92 19.10
CA SER B 144 34.30 17.63 19.06
C SER B 144 35.46 16.68 18.81
N TYR B 145 35.48 15.56 19.55
CA TYR B 145 36.60 14.62 19.46
C TYR B 145 36.73 14.02 18.07
N PHE B 146 35.65 14.05 17.29
CA PHE B 146 35.68 13.45 15.96
C PHE B 146 36.03 14.46 14.87
N ARG B 147 35.46 15.65 14.95
CA ARG B 147 35.68 16.65 13.91
C ARG B 147 37.09 17.21 13.96
N ASP B 148 37.78 16.99 15.08
CA ASP B 148 39.19 17.35 15.20
C ASP B 148 40.13 16.34 14.56
N LEU B 149 39.62 15.17 14.19
CA LEU B 149 40.45 14.16 13.54
C LEU B 149 40.69 14.55 12.09
N PRO B 150 41.80 14.06 11.50
CA PRO B 150 42.08 14.25 10.08
C PRO B 150 40.97 13.68 9.20
N ILE B 151 40.59 14.44 8.18
CA ILE B 151 39.46 14.08 7.32
C ILE B 151 39.50 12.63 6.82
N GLU B 152 40.70 12.07 6.65
CA GLU B 152 40.83 10.70 6.14
C GLU B 152 40.48 9.67 7.21
N ASP B 153 40.81 9.98 8.46
CA ASP B 153 40.39 9.12 9.55
C ASP B 153 38.88 9.21 9.80
N GLN B 154 38.34 10.42 9.77
CA GLN B 154 36.89 10.60 9.85
C GLN B 154 36.21 9.64 8.88
N ILE B 155 36.69 9.61 7.65
CA ILE B 155 36.17 8.72 6.63
C ILE B 155 36.35 7.25 7.04
N SER B 156 37.54 6.92 7.54
CA SER B 156 37.87 5.53 7.83
C SER B 156 37.04 5.00 8.98
N LEU B 157 36.91 5.81 10.02
CA LEU B 157 36.10 5.41 11.17
C LEU B 157 34.64 5.23 10.77
N LEU B 158 34.11 6.15 9.96
CA LEU B 158 32.72 6.07 9.54
C LEU B 158 32.46 4.87 8.65
N LYS B 159 33.37 4.62 7.71
CA LYS B 159 33.31 3.41 6.89
C LYS B 159 33.20 2.20 7.79
N GLY B 160 34.04 2.17 8.82
CA GLY B 160 34.11 1.01 9.68
C GLY B 160 32.92 0.83 10.61
N ALA B 161 32.22 1.92 10.96
CA ALA B 161 31.25 1.88 12.05
C ALA B 161 29.79 2.17 11.67
N ALA B 162 29.56 2.71 10.48
CA ALA B 162 28.21 3.18 10.12
C ALA B 162 27.14 2.13 10.29
N PHE B 163 27.38 0.93 9.78
CA PHE B 163 26.43 -0.15 9.93
C PHE B 163 26.14 -0.38 11.41
N GLU B 164 27.18 -0.36 12.22
CA GLU B 164 27.07 -0.67 13.64
C GLU B 164 26.26 0.38 14.38
N LEU B 165 26.57 1.66 14.14
CA LEU B 165 25.81 2.72 14.79
C LEU B 165 24.36 2.67 14.33
N CYS B 166 24.13 2.33 13.06
N CYS B 166 24.14 2.34 13.06
CA CYS B 166 22.77 2.23 12.55
CA CYS B 166 22.77 2.20 12.54
C CYS B 166 21.98 1.14 13.26
C CYS B 166 22.02 1.18 13.36
N GLN B 167 22.62 0.00 13.52
CA GLN B 167 21.93 -1.07 14.24
C GLN B 167 21.65 -0.67 15.68
N LEU B 168 22.59 0.07 16.30
CA LEU B 168 22.40 0.55 17.66
C LEU B 168 21.20 1.49 17.75
N ARG B 169 21.08 2.43 16.81
CA ARG B 169 19.89 3.28 16.77
C ARG B 169 18.62 2.48 16.48
N PHE B 170 18.69 1.49 15.59
CA PHE B 170 17.51 0.70 15.29
C PHE B 170 17.03 -0.04 16.52
N ASN B 171 17.96 -0.51 17.35
CA ASN B 171 17.55 -1.26 18.52
C ASN B 171 16.71 -0.41 19.46
N THR B 172 16.92 0.90 19.49
CA THR B 172 16.15 1.73 20.39
C THR B 172 14.67 1.88 19.98
N VAL B 173 14.36 1.54 18.74
CA VAL B 173 12.98 1.56 18.28
C VAL B 173 12.46 0.13 18.02
N PHE B 174 13.25 -0.86 18.44
CA PHE B 174 12.83 -2.26 18.30
C PHE B 174 11.82 -2.63 19.38
N ASN B 175 10.68 -3.17 18.96
CA ASN B 175 9.69 -3.70 19.89
C ASN B 175 9.89 -5.21 19.97
N ALA B 176 10.33 -5.69 21.13
CA ALA B 176 10.67 -7.10 21.29
C ALA B 176 9.42 -7.99 21.46
N GLU B 177 8.34 -7.43 21.99
CA GLU B 177 7.10 -8.19 22.13
C GLU B 177 6.55 -8.53 20.75
N THR B 178 6.48 -7.53 19.88
CA THR B 178 5.89 -7.68 18.56
C THR B 178 6.91 -8.06 17.48
N GLY B 179 8.19 -7.99 17.82
CA GLY B 179 9.21 -8.24 16.81
C GLY B 179 9.23 -7.24 15.68
N THR B 180 8.95 -5.96 15.98
CA THR B 180 8.90 -4.97 14.93
C THR B 180 9.72 -3.73 15.29
N TRP B 181 10.45 -3.22 14.31
CA TRP B 181 11.10 -1.93 14.42
C TRP B 181 10.08 -0.84 14.09
N GLU B 182 9.83 0.04 15.05
CA GLU B 182 8.80 1.06 14.93
C GLU B 182 9.38 2.42 14.58
N CYS B 183 9.39 2.73 13.28
CA CYS B 183 10.05 3.93 12.78
C CYS B 183 9.04 5.01 12.39
N GLY B 184 8.41 5.61 13.38
CA GLY B 184 7.43 6.65 13.12
C GLY B 184 6.26 6.04 12.40
N ARG B 185 5.85 6.62 11.28
CA ARG B 185 4.76 6.07 10.49
C ARG B 185 5.12 4.78 9.73
N LEU B 186 6.40 4.41 9.71
CA LEU B 186 6.80 3.14 9.11
C LEU B 186 7.04 2.06 10.17
N SER B 187 6.79 0.81 9.81
CA SER B 187 7.00 -0.34 10.68
C SER B 187 7.57 -1.50 9.86
N TYR B 188 8.53 -2.19 10.44
CA TYR B 188 9.11 -3.38 9.83
C TYR B 188 8.93 -4.55 10.78
N CYS B 189 8.05 -5.47 10.41
CA CYS B 189 7.67 -6.56 11.29
C CYS B 189 8.27 -7.86 10.79
N LEU B 190 8.92 -8.58 11.70
CA LEU B 190 9.47 -9.89 11.35
C LEU B 190 8.36 -10.87 10.95
N GLU B 191 8.58 -11.60 9.86
CA GLU B 191 7.55 -12.44 9.27
C GLU B 191 7.16 -13.61 10.17
N GLN B 199 15.32 -20.32 16.80
CA GLN B 199 14.55 -20.51 15.57
C GLN B 199 14.70 -19.28 14.66
N LEU B 200 14.47 -18.10 15.23
CA LEU B 200 14.80 -16.83 14.56
C LEU B 200 16.08 -16.29 15.20
N LEU B 201 16.20 -16.50 16.52
CA LEU B 201 17.41 -16.15 17.23
C LEU B 201 18.63 -16.79 16.57
N LEU B 202 18.38 -17.77 15.71
CA LEU B 202 19.47 -18.44 15.00
C LEU B 202 20.21 -17.48 14.08
N GLU B 203 19.50 -16.48 13.56
CA GLU B 203 20.13 -15.42 12.77
C GLU B 203 20.78 -14.40 13.72
N PRO B 204 22.10 -14.21 13.61
CA PRO B 204 22.88 -13.42 14.55
C PRO B 204 22.40 -11.98 14.72
N MET B 205 21.97 -11.37 13.62
CA MET B 205 21.33 -10.07 13.63
C MET B 205 20.12 -10.00 14.53
N LEU B 206 19.21 -10.95 14.37
CA LEU B 206 17.98 -10.96 15.13
C LEU B 206 18.27 -11.23 16.60
N LYS B 207 19.16 -12.18 16.86
CA LYS B 207 19.55 -12.49 18.23
C LYS B 207 20.13 -11.25 18.90
N PHE B 208 20.99 -10.54 18.18
CA PHE B 208 21.61 -9.34 18.72
C PHE B 208 20.54 -8.35 19.20
N HIS B 209 19.53 -8.09 18.38
CA HIS B 209 18.52 -7.11 18.75
C HIS B 209 17.70 -7.53 19.95
N TYR B 210 17.43 -8.83 20.07
CA TYR B 210 16.68 -9.33 21.21
C TYR B 210 17.50 -9.28 22.49
N MET B 211 18.75 -9.70 22.42
CA MET B 211 19.61 -9.70 23.59
C MET B 211 19.87 -8.27 24.07
N LEU B 212 20.23 -7.39 23.14
CA LEU B 212 20.49 -6.00 23.50
C LEU B 212 19.23 -5.34 24.07
N LYS B 213 18.07 -5.67 23.52
CA LYS B 213 16.84 -5.06 24.02
C LYS B 213 16.62 -5.51 25.45
N LYS B 214 16.98 -6.76 25.73
CA LYS B 214 16.75 -7.36 27.05
C LYS B 214 17.51 -6.64 28.15
N LEU B 215 18.66 -6.06 27.82
CA LEU B 215 19.47 -5.37 28.82
C LEU B 215 18.83 -4.08 29.31
N GLN B 216 17.82 -3.59 28.58
CA GLN B 216 17.09 -2.37 28.97
C GLN B 216 17.99 -1.14 29.20
N LEU B 217 18.86 -0.86 28.24
CA LEU B 217 19.81 0.24 28.41
C LEU B 217 19.11 1.59 28.49
N HIS B 218 19.75 2.54 29.15
CA HIS B 218 19.39 3.96 29.03
C HIS B 218 19.91 4.57 27.73
N GLU B 219 19.34 5.70 27.34
CA GLU B 219 19.87 6.51 26.25
C GLU B 219 21.38 6.75 26.37
N GLU B 220 21.82 7.12 27.57
CA GLU B 220 23.22 7.39 27.84
C GLU B 220 24.08 6.19 27.47
N GLU B 221 23.60 5.01 27.84
CA GLU B 221 24.35 3.81 27.53
C GLU B 221 24.37 3.47 26.04
N TYR B 222 23.26 3.65 25.33
CA TYR B 222 23.29 3.47 23.86
C TYR B 222 24.29 4.41 23.20
N VAL B 223 24.29 5.66 23.63
CA VAL B 223 25.07 6.67 22.94
C VAL B 223 26.56 6.47 23.25
N LEU B 224 26.88 6.01 24.46
CA LEU B 224 28.25 5.62 24.77
C LEU B 224 28.71 4.40 23.96
N MET B 225 27.82 3.43 23.76
CA MET B 225 28.07 2.33 22.81
C MET B 225 28.34 2.84 21.40
N GLN B 226 27.55 3.81 20.94
CA GLN B 226 27.79 4.39 19.63
C GLN B 226 29.20 5.00 19.59
N ALA B 227 29.57 5.71 20.65
CA ALA B 227 30.85 6.40 20.68
C ALA B 227 32.01 5.40 20.67
N ILE B 228 31.85 4.31 21.41
CA ILE B 228 32.91 3.32 21.46
C ILE B 228 33.07 2.66 20.10
N SER B 229 31.96 2.24 19.49
CA SER B 229 32.02 1.65 18.16
C SER B 229 32.64 2.62 17.15
N LEU B 230 32.24 3.90 17.21
CA LEU B 230 32.75 4.90 16.27
C LEU B 230 34.26 5.08 16.38
N PHE B 231 34.76 5.29 17.59
CA PHE B 231 36.19 5.48 17.79
C PHE B 231 36.91 4.14 18.00
N SER B 232 36.85 3.29 16.99
CA SER B 232 37.60 2.04 16.98
C SER B 232 38.95 2.29 16.33
N PRO B 233 40.05 2.15 17.10
CA PRO B 233 41.39 2.43 16.57
C PRO B 233 41.81 1.46 15.46
N ASP B 234 41.18 0.28 15.43
CA ASP B 234 41.58 -0.78 14.53
C ASP B 234 40.67 -0.98 13.32
N ARG B 235 40.05 0.10 12.85
CA ARG B 235 39.38 0.08 11.55
C ARG B 235 40.44 0.20 10.46
N PRO B 236 40.20 -0.43 9.30
CA PRO B 236 41.06 -0.29 8.12
C PRO B 236 41.27 1.17 7.71
N GLY B 237 42.53 1.56 7.52
CA GLY B 237 42.82 2.88 6.99
C GLY B 237 42.97 3.95 8.05
N VAL B 238 42.85 3.56 9.31
CA VAL B 238 42.98 4.53 10.40
C VAL B 238 44.45 4.80 10.68
N LEU B 239 44.84 6.07 10.60
CA LEU B 239 46.22 6.46 10.79
C LEU B 239 46.53 6.80 12.24
N GLN B 240 45.70 7.65 12.83
CA GLN B 240 45.91 8.09 14.21
C GLN B 240 45.39 7.06 15.19
N HIS B 241 45.71 5.79 14.97
CA HIS B 241 45.21 4.71 15.80
C HIS B 241 45.42 4.97 17.29
N ARG B 242 46.42 5.79 17.62
CA ARG B 242 46.77 6.04 19.00
C ARG B 242 45.84 7.05 19.67
N VAL B 243 45.56 8.14 18.97
CA VAL B 243 44.61 9.14 19.45
C VAL B 243 43.20 8.53 19.56
N VAL B 244 42.87 7.66 18.62
CA VAL B 244 41.57 7.00 18.60
C VAL B 244 41.45 6.04 19.78
N ASP B 245 42.48 5.23 19.99
CA ASP B 245 42.51 4.26 21.08
C ASP B 245 42.32 4.95 22.43
N GLN B 246 42.98 6.09 22.62
CA GLN B 246 42.87 6.82 23.87
C GLN B 246 41.46 7.36 24.04
N LEU B 247 40.89 7.83 22.93
CA LEU B 247 39.54 8.33 22.94
C LEU B 247 38.56 7.19 23.26
N GLN B 248 38.74 6.06 22.61
CA GLN B 248 37.86 4.92 22.88
C GLN B 248 37.91 4.51 24.34
N GLU B 249 39.11 4.52 24.92
CA GLU B 249 39.30 4.08 26.29
C GLU B 249 38.56 4.99 27.25
N GLN B 250 38.55 6.29 26.96
CA GLN B 250 37.85 7.25 27.81
C GLN B 250 36.33 7.12 27.75
N PHE B 251 35.81 6.78 26.58
CA PHE B 251 34.38 6.54 26.44
C PHE B 251 34.02 5.26 27.19
N ALA B 252 34.87 4.24 27.12
CA ALA B 252 34.57 2.98 27.80
C ALA B 252 34.63 3.15 29.32
N ILE B 253 35.56 4.00 29.78
CA ILE B 253 35.68 4.30 31.19
C ILE B 253 34.47 5.08 31.68
N THR B 254 34.03 6.04 30.88
CA THR B 254 32.84 6.79 31.23
C THR B 254 31.59 5.90 31.30
N LEU B 255 31.51 4.93 30.38
CA LEU B 255 30.38 4.01 30.38
C LEU B 255 30.36 3.18 31.68
N LYS B 256 31.51 2.61 32.03
CA LYS B 256 31.64 1.85 33.27
C LYS B 256 31.30 2.69 34.51
N SER B 257 31.76 3.94 34.53
CA SER B 257 31.45 4.83 35.65
C SER B 257 29.97 5.16 35.69
N TYR B 258 29.38 5.46 34.53
CA TYR B 258 27.97 5.78 34.48
C TYR B 258 27.16 4.62 35.09
N ILE B 259 27.46 3.40 34.65
CA ILE B 259 26.73 2.24 35.11
C ILE B 259 26.83 2.07 36.64
N GLU B 260 28.02 2.27 37.17
CA GLU B 260 28.24 2.17 38.62
C GLU B 260 27.53 3.24 39.42
N CYS B 261 27.37 4.43 38.84
CA CYS B 261 26.64 5.51 39.52
C CYS B 261 25.13 5.45 39.36
N ASN B 262 24.61 4.44 38.65
CA ASN B 262 23.18 4.44 38.30
C ASN B 262 22.45 3.10 38.31
N ARG B 263 23.16 1.99 38.40
CA ARG B 263 22.50 0.69 38.22
C ARG B 263 22.85 -0.33 39.29
N PRO B 264 22.33 -0.14 40.52
CA PRO B 264 22.68 -0.91 41.71
C PRO B 264 22.11 -2.33 41.71
N GLN B 265 21.00 -2.50 41.00
CA GLN B 265 20.20 -3.71 41.11
C GLN B 265 20.91 -4.92 40.52
N PRO B 266 20.76 -6.09 41.17
CA PRO B 266 21.44 -7.33 40.81
C PRO B 266 21.05 -7.81 39.41
N ALA B 267 19.99 -7.22 38.87
CA ALA B 267 19.60 -7.47 37.50
C ALA B 267 20.70 -6.94 36.56
N HIS B 268 21.47 -5.96 37.04
CA HIS B 268 22.44 -5.27 36.20
C HIS B 268 23.88 -5.60 36.57
N ARG B 269 24.08 -6.66 37.34
CA ARG B 269 25.43 -7.10 37.63
C ARG B 269 26.13 -7.42 36.30
N PHE B 270 27.40 -7.07 36.21
CA PHE B 270 28.20 -7.29 35.01
C PHE B 270 27.69 -6.56 33.75
N LEU B 271 26.81 -5.57 33.92
CA LEU B 271 26.21 -4.91 32.77
C LEU B 271 27.26 -4.34 31.83
N PHE B 272 28.28 -3.72 32.41
CA PHE B 272 29.29 -3.09 31.59
C PHE B 272 29.96 -4.12 30.69
N LEU B 273 30.30 -5.27 31.27
CA LEU B 273 31.02 -6.29 30.52
C LEU B 273 30.13 -6.96 29.48
N LYS B 274 28.82 -7.08 29.76
CA LYS B 274 27.89 -7.59 28.75
C LYS B 274 27.85 -6.64 27.55
N ILE B 275 27.76 -5.34 27.83
CA ILE B 275 27.69 -4.35 26.77
C ILE B 275 28.93 -4.41 25.88
N MET B 276 30.11 -4.52 26.49
CA MET B 276 31.34 -4.58 25.70
C MET B 276 31.37 -5.85 24.88
N ALA B 277 30.86 -6.93 25.44
CA ALA B 277 30.77 -8.20 24.72
C ALA B 277 29.79 -8.04 23.56
N MET B 278 28.68 -7.35 23.80
CA MET B 278 27.74 -7.06 22.73
C MET B 278 28.43 -6.25 21.60
N LEU B 279 29.27 -5.29 21.95
CA LEU B 279 29.95 -4.50 20.93
C LEU B 279 30.88 -5.35 20.06
N THR B 280 31.53 -6.33 20.68
CA THR B 280 32.38 -7.24 19.92
C THR B 280 31.52 -8.09 18.99
N GLU B 281 30.37 -8.53 19.49
CA GLU B 281 29.46 -9.33 18.67
C GLU B 281 28.91 -8.50 17.51
N LEU B 282 28.65 -7.22 17.76
CA LEU B 282 28.15 -6.34 16.72
C LEU B 282 29.21 -6.13 15.63
N ARG B 283 30.47 -6.10 16.03
CA ARG B 283 31.54 -5.96 15.06
C ARG B 283 31.56 -7.17 14.13
N SER B 284 31.27 -8.35 14.66
CA SER B 284 31.27 -9.58 13.89
C SER B 284 30.08 -9.67 12.94
N ILE B 285 28.91 -9.28 13.44
CA ILE B 285 27.73 -9.16 12.59
C ILE B 285 27.97 -8.18 11.44
N ASN B 286 28.66 -7.07 11.73
CA ASN B 286 29.02 -6.08 10.71
C ASN B 286 29.76 -6.75 9.56
N ALA B 287 30.80 -7.51 9.88
CA ALA B 287 31.57 -8.18 8.85
C ALA B 287 30.66 -9.12 8.08
N GLN B 288 29.87 -9.91 8.79
CA GLN B 288 28.98 -10.89 8.16
C GLN B 288 28.02 -10.21 7.20
N HIS B 289 27.37 -9.16 7.67
CA HIS B 289 26.35 -8.45 6.89
C HIS B 289 26.95 -7.72 5.70
N THR B 290 28.18 -7.22 5.85
CA THR B 290 28.88 -6.62 4.74
C THR B 290 29.14 -7.66 3.65
N GLN B 291 29.49 -8.88 4.06
CA GLN B 291 29.70 -9.96 3.11
C GLN B 291 28.39 -10.33 2.40
N ARG B 292 27.31 -10.51 3.16
CA ARG B 292 26.02 -10.85 2.58
C ARG B 292 25.68 -9.87 1.47
N LEU B 293 25.97 -8.61 1.74
CA LEU B 293 25.49 -7.51 0.93
C LEU B 293 26.21 -7.50 -0.42
N LEU B 294 27.50 -7.82 -0.39
CA LEU B 294 28.30 -7.86 -1.60
C LEU B 294 27.84 -9.01 -2.49
N ARG B 295 27.53 -10.15 -1.88
CA ARG B 295 26.99 -11.29 -2.62
C ARG B 295 25.73 -10.85 -3.36
N ILE B 296 24.83 -10.21 -2.63
CA ILE B 296 23.55 -9.79 -3.19
C ILE B 296 23.72 -8.70 -4.25
N GLN B 297 24.61 -7.76 -3.98
CA GLN B 297 24.87 -6.68 -4.91
C GLN B 297 25.53 -7.22 -6.19
N ASP B 298 26.28 -8.30 -6.05
CA ASP B 298 26.93 -8.94 -7.18
C ASP B 298 25.86 -9.52 -8.11
N ILE B 299 25.00 -10.36 -7.56
CA ILE B 299 23.91 -10.96 -8.31
C ILE B 299 22.91 -9.90 -8.77
N HIS B 300 22.67 -8.90 -7.93
CA HIS B 300 21.55 -7.99 -8.13
C HIS B 300 21.80 -6.66 -7.43
N PRO B 301 22.36 -5.68 -8.16
CA PRO B 301 22.68 -4.37 -7.60
C PRO B 301 21.47 -3.66 -7.00
N PHE B 302 21.70 -2.94 -5.89
CA PHE B 302 20.62 -2.24 -5.20
C PHE B 302 21.15 -1.13 -4.31
N ALA B 303 22.43 -1.19 -3.98
CA ALA B 303 23.02 -0.22 -3.05
C ALA B 303 23.00 1.19 -3.64
N THR B 304 22.72 2.16 -2.79
CA THR B 304 22.82 3.57 -3.17
C THR B 304 24.29 3.96 -3.35
N PRO B 305 24.54 5.15 -3.92
CA PRO B 305 25.93 5.56 -4.08
C PRO B 305 26.64 5.74 -2.73
N LEU B 306 25.94 6.28 -1.75
CA LEU B 306 26.52 6.41 -0.40
C LEU B 306 26.85 5.05 0.23
N MET B 307 26.02 4.05 -0.03
CA MET B 307 26.28 2.70 0.46
C MET B 307 27.49 2.07 -0.22
N GLN B 308 27.55 2.17 -1.54
CA GLN B 308 28.70 1.65 -2.29
C GLN B 308 30.00 2.25 -1.76
N GLU B 309 29.94 3.50 -1.31
CA GLU B 309 31.11 4.15 -0.72
C GLU B 309 31.47 3.52 0.62
N LEU B 310 30.48 3.38 1.49
CA LEU B 310 30.72 2.88 2.83
C LEU B 310 31.18 1.43 2.83
N PHE B 311 30.68 0.66 1.88
CA PHE B 311 30.95 -0.77 1.85
C PHE B 311 32.04 -1.14 0.85
N GLY B 312 32.80 -0.13 0.42
CA GLY B 312 34.08 -0.37 -0.19
C GLY B 312 34.04 -0.90 -1.60
N ILE B 313 35.20 -1.30 -2.11
CA ILE B 313 36.42 -1.28 -1.31
C ILE B 313 37.55 -0.56 -2.05
N SER B 326 44.39 9.11 -0.43
CA SER B 326 43.53 8.98 -1.61
C SER B 326 42.12 8.54 -1.22
N LEU B 327 41.92 8.32 0.09
CA LEU B 327 40.62 7.94 0.62
C LEU B 327 39.52 8.89 0.13
N THR B 328 39.80 10.19 0.18
CA THR B 328 38.79 11.19 -0.13
C THR B 328 38.32 11.06 -1.57
N GLU B 329 39.21 10.55 -2.41
CA GLU B 329 38.94 10.44 -3.83
C GLU B 329 37.89 9.39 -4.11
N ARG B 330 37.98 8.28 -3.39
CA ARG B 330 37.07 7.15 -3.61
C ARG B 330 35.77 7.30 -2.81
N HIS B 331 35.68 8.38 -2.03
CA HIS B 331 34.51 8.62 -1.18
C HIS B 331 34.04 10.06 -1.31
N LYS B 332 33.60 10.43 -2.51
CA LYS B 332 33.30 11.82 -2.83
C LYS B 332 32.12 12.32 -2.01
N ILE B 333 31.15 11.44 -1.78
CA ILE B 333 29.94 11.82 -1.04
C ILE B 333 30.22 12.02 0.44
N LEU B 334 30.93 11.05 1.04
CA LEU B 334 31.35 11.18 2.44
C LEU B 334 32.11 12.46 2.67
N HIS B 335 33.21 12.61 1.92
CA HIS B 335 34.03 13.80 1.97
C HIS B 335 33.14 15.03 1.94
N ARG B 336 32.18 15.04 1.02
CA ARG B 336 31.30 16.19 0.87
C ARG B 336 30.48 16.43 2.15
N LEU B 337 29.84 15.38 2.66
CA LEU B 337 29.01 15.48 3.85
C LEU B 337 29.81 15.91 5.07
N LEU B 338 31.04 15.41 5.18
CA LEU B 338 31.92 15.81 6.25
C LEU B 338 32.33 17.28 6.17
N GLN B 339 32.50 17.81 4.96
CA GLN B 339 32.91 19.20 4.80
C GLN B 339 31.74 20.14 5.01
N GLU B 340 30.53 19.62 4.81
CA GLU B 340 29.34 20.42 5.02
C GLU B 340 29.13 20.71 6.50
N GLY B 341 28.51 21.85 6.78
CA GLY B 341 28.24 22.23 8.16
C GLY B 341 27.09 21.44 8.74
N SER B 342 27.20 21.13 10.03
CA SER B 342 26.11 20.46 10.73
C SER B 342 25.23 21.49 11.45
CAB HCJ C . -18.56 -3.41 -5.10
NAD HCJ C . -17.66 -2.47 -5.80
CAI HCJ C . -16.26 -2.33 -5.82
CAH HCJ C . -15.68 -1.32 -6.59
CAG HCJ C . -16.48 -0.47 -7.33
OAJ HCJ C . -15.96 0.41 -8.02
NAF HCJ C . -17.88 -0.60 -7.31
CAE HCJ C . -18.48 -1.62 -6.54
OAA HCJ C . -19.79 -1.94 -6.34
CAC HCJ C . -19.85 -2.58 -5.04
CAK HCJ C . -19.85 -1.70 -3.80
OAL HCJ C . -18.66 -0.90 -3.63
CAM HCJ C . -18.66 0.30 -4.29
CAN HCJ C . -19.59 0.55 -5.30
CAO HCJ C . -19.49 1.71 -6.05
CAR HCJ C . -17.67 1.24 -4.03
CAQ HCJ C . -17.56 2.40 -4.80
CAP HCJ C . -18.47 2.64 -5.82
CAS HCJ C . -18.35 3.76 -6.63
CAT HCJ C . -19.12 3.83 -7.79
CAX HCJ C . -17.49 4.79 -6.30
CAW HCJ C . -17.41 5.90 -7.13
CAV HCJ C . -18.17 5.98 -8.29
CAU HCJ C . -19.04 4.95 -8.64
CAY HCJ C . -19.91 5.00 -9.91
FBA HCJ C . -19.77 3.89 -10.63
FBB HCJ C . -19.57 6.04 -10.68
FAZ HCJ C . -21.20 5.14 -9.58
#